data_6JQ6
#
_entry.id   6JQ6
#
_cell.length_a   91.830
_cell.length_b   91.830
_cell.length_c   140.627
_cell.angle_alpha   90.00
_cell.angle_beta   90.00
_cell.angle_gamma   120.00
#
_symmetry.space_group_name_H-M   'P 63 2 2'
#
loop_
_entity.id
_entity.type
_entity.pdbx_description
1 polymer 'RNA (81-MER)'
2 non-polymer 'IRIDIUM HEXAMMINE ION'
3 water water
#
_entity_poly.entity_id   1
_entity_poly.type   'polyribonucleotide'
_entity_poly.pdbx_seq_one_letter_code
;UUACUGUGAGAAUCAGUAACAAACAUGUGGGGCUUAUAUCUAAUCUUCGGAUUAGUAUUAGUGCAGACGUUAAAACCAUG
U
;
_entity_poly.pdbx_strand_id   U
#